data_7T1Z
#
_entry.id   7T1Z
#
_cell.length_a   232.869
_cell.length_b   232.869
_cell.length_c   107.161
_cell.angle_alpha   90.000
_cell.angle_beta   90.000
_cell.angle_gamma   90.000
#
_symmetry.space_group_name_H-M   'I 41 2 2'
#
loop_
_entity.id
_entity.type
_entity.pdbx_description
1 polymer 'S-phase kinase-associated protein 1'
2 polymer 'F-box/WD repeat-containing protein 7'
3 polymer 'Myc proto-oncogene N terminal degron'
4 non-polymer 'SULFATE ION'
5 water water
#
loop_
_entity_poly.entity_id
_entity_poly.type
_entity_poly.pdbx_seq_one_letter_code
_entity_poly.pdbx_strand_id
1 'polypeptide(L)'
;MPSIKLQSSDGEIFEVDVEIAKQSVTIKTMLEDLGMDDEGDDDPVPLPNVNAAILKKVIQWCTHHKDDPGGSGTDQEFLK
VDQGTLFELILAANYLDIKGLLDVTCKTVANMIKGKTPEEIRKTFNIKNDFTEEEEAQVRKENQWTEEE
;
A
2 'polypeptide(L)'
;SHHHHHHGGSGMTQVKHMMQVIEPQFQRDFISLLPKELALYVLSFLEPKDLLQAAQTCRYWRILAEDNLLWREKCKEEGI
DEPLHIKRRKVIKPGFIHSPWKSAYIRQHRIDTNWRRGELKSPKVLKGHDDHVITCLQFCGNRIVSGSDDNTLKVWSAVT
GKCLRTLVGHTGGVWSSQMRDNIIISGSTDRTLKVWNAETGECIHTLYGHTSTVRCMHLHEKRVVSGSRDATLRVWDIET
GQCLHVLMGHVAAVRCVQYDGRRVVSGAYDFMVKVWDPETETCLHTLQGHTNRVYSLQFDGIHVVSGSLDTSIRVWDVET
GNCIHTLTGHQSLTSGMELKDNILVSGNADSTVKIWDIKTGQCLQTLQGPNKHQSAVTCLQFNKNFVITSSDDGTVKLWD
LKTGEFIRNLVTLESGGSGGVVWRIRASNTKLVCAVGSRNGTEETKLLVLDFDVDMK
;
B
3 'polypeptide(L)' EDIWKKFELLP(TPO)PPL(SEP)PSRR C
#
# COMPACT_ATOMS: atom_id res chain seq x y z
N PRO A 2 -9.44 6.27 -53.89
CA PRO A 2 -8.55 7.21 -54.58
C PRO A 2 -8.08 8.35 -53.67
N SER A 3 -8.93 9.39 -53.56
CA SER A 3 -8.63 10.60 -52.75
C SER A 3 -9.98 11.31 -52.61
N ILE A 4 -10.29 11.86 -51.44
CA ILE A 4 -11.65 12.43 -51.23
C ILE A 4 -11.62 13.93 -51.04
N LYS A 5 -12.80 14.55 -51.03
CA LYS A 5 -12.90 16.00 -50.93
C LYS A 5 -13.75 16.37 -49.72
N LEU A 6 -13.33 17.40 -49.01
CA LEU A 6 -14.03 17.90 -47.83
C LEU A 6 -14.53 19.31 -48.11
N GLN A 7 -15.53 19.73 -47.37
CA GLN A 7 -16.08 21.09 -47.46
C GLN A 7 -16.14 21.69 -46.07
N SER A 8 -15.28 22.66 -45.81
CA SER A 8 -15.31 23.35 -44.54
C SER A 8 -16.62 24.12 -44.39
N SER A 9 -16.78 24.78 -43.24
CA SER A 9 -18.03 25.49 -42.99
C SER A 9 -18.16 26.73 -43.87
N ASP A 10 -17.04 27.46 -44.09
CA ASP A 10 -17.11 28.67 -44.89
C ASP A 10 -17.09 28.41 -46.39
N GLY A 11 -16.85 27.17 -46.82
CA GLY A 11 -17.08 26.83 -48.21
C GLY A 11 -15.90 26.24 -48.96
N GLU A 12 -14.70 26.30 -48.40
CA GLU A 12 -13.51 25.84 -49.11
C GLU A 12 -13.49 24.32 -49.22
N ILE A 13 -13.04 23.82 -50.37
CA ILE A 13 -13.00 22.38 -50.66
C ILE A 13 -11.55 21.92 -50.64
N PHE A 14 -11.24 20.91 -49.83
CA PHE A 14 -9.91 20.34 -49.71
C PHE A 14 -9.88 18.94 -50.31
N GLU A 15 -8.87 18.66 -51.12
CA GLU A 15 -8.63 17.32 -51.64
C GLU A 15 -7.60 16.64 -50.75
N VAL A 16 -7.97 15.50 -50.16
CA VAL A 16 -7.09 14.75 -49.29
C VAL A 16 -7.26 13.26 -49.56
N ASP A 17 -6.24 12.49 -49.20
CA ASP A 17 -6.21 11.06 -49.50
C ASP A 17 -7.04 10.27 -48.51
N VAL A 18 -7.71 9.23 -49.01
CA VAL A 18 -8.46 8.32 -48.17
C VAL A 18 -7.65 7.91 -46.95
N GLU A 19 -6.33 7.84 -47.09
CA GLU A 19 -5.47 7.42 -45.99
C GLU A 19 -5.41 8.48 -44.90
N ILE A 20 -5.26 9.75 -45.28
CA ILE A 20 -5.08 10.82 -44.29
C ILE A 20 -6.38 11.07 -43.53
N ALA A 21 -7.52 11.04 -44.23
CA ALA A 21 -8.79 11.37 -43.62
C ALA A 21 -9.37 10.24 -42.78
N LYS A 22 -9.03 9.00 -43.09
CA LYS A 22 -9.43 7.87 -42.25
C LYS A 22 -9.16 8.11 -40.78
N GLN A 23 -8.21 9.00 -40.43
CA GLN A 23 -7.81 9.20 -39.05
C GLN A 23 -8.87 9.90 -38.22
N SER A 24 -9.90 10.43 -38.88
CA SER A 24 -11.06 11.03 -38.17
C SER A 24 -12.25 10.11 -38.39
N VAL A 25 -12.85 9.63 -37.31
CA VAL A 25 -13.96 8.65 -37.43
C VAL A 25 -15.19 9.35 -38.01
N THR A 26 -15.38 10.61 -37.68
CA THR A 26 -16.54 11.37 -38.23
C THR A 26 -16.47 11.37 -39.76
N ILE A 27 -15.35 11.84 -40.32
CA ILE A 27 -15.21 11.91 -41.80
C ILE A 27 -15.34 10.50 -42.39
N LYS A 28 -14.77 9.51 -41.71
CA LYS A 28 -14.82 8.11 -42.21
C LYS A 28 -16.27 7.63 -42.28
N THR A 29 -17.05 7.87 -41.24
CA THR A 29 -18.48 7.45 -41.23
C THR A 29 -19.19 8.13 -42.39
N MET A 30 -18.92 9.40 -42.61
CA MET A 30 -19.62 10.16 -43.69
C MET A 30 -19.26 9.55 -45.03
N LEU A 31 -18.01 9.18 -45.22
CA LEU A 31 -17.54 8.65 -46.53
C LEU A 31 -18.02 7.23 -46.75
N GLU A 32 -17.68 6.32 -45.84
CA GLU A 32 -17.96 4.89 -46.08
C GLU A 32 -19.41 4.50 -45.82
N ASP A 33 -20.05 5.07 -44.81
CA ASP A 33 -21.40 4.57 -44.46
C ASP A 33 -22.51 5.49 -44.97
N LEU A 34 -22.24 6.79 -45.12
CA LEU A 34 -23.34 7.71 -45.48
C LEU A 34 -23.16 8.22 -46.91
N GLY A 35 -21.98 8.03 -47.50
CA GLY A 35 -21.76 8.39 -48.91
C GLY A 35 -21.82 9.89 -49.14
N MET A 36 -20.88 10.64 -48.57
CA MET A 36 -20.91 12.11 -48.69
C MET A 36 -20.03 12.53 -49.86
N ASP A 37 -20.45 12.25 -51.09
CA ASP A 37 -19.72 12.57 -52.34
C ASP A 37 -18.27 13.01 -52.09
N PRO A 44 -19.03 15.75 -51.30
CA PRO A 44 -18.07 16.63 -50.64
C PRO A 44 -18.40 16.42 -49.15
N VAL A 45 -17.43 16.02 -48.33
CA VAL A 45 -17.79 15.74 -46.92
C VAL A 45 -18.16 17.06 -46.20
N PRO A 46 -19.42 17.32 -45.76
CA PRO A 46 -19.73 18.60 -45.15
C PRO A 46 -19.20 18.69 -43.71
N LEU A 47 -18.35 19.67 -43.42
CA LEU A 47 -17.80 19.86 -42.05
C LEU A 47 -18.34 21.19 -41.47
N PRO A 48 -19.60 21.32 -40.95
CA PRO A 48 -20.12 22.62 -40.53
C PRO A 48 -19.56 23.23 -39.25
N ASN A 49 -18.61 22.57 -38.59
CA ASN A 49 -18.14 23.10 -37.29
C ASN A 49 -16.65 23.41 -37.38
N VAL A 50 -16.06 23.17 -38.55
CA VAL A 50 -14.60 23.43 -38.74
C VAL A 50 -14.45 24.44 -39.88
N ASN A 51 -13.64 25.47 -39.65
CA ASN A 51 -13.40 26.49 -40.70
C ASN A 51 -12.19 26.05 -41.52
N ALA A 52 -11.98 26.67 -42.68
CA ALA A 52 -10.88 26.27 -43.58
C ALA A 52 -9.54 26.36 -42.87
N ALA A 53 -9.36 27.36 -42.02
CA ALA A 53 -8.07 27.56 -41.33
C ALA A 53 -7.79 26.35 -40.44
N ILE A 54 -8.70 26.05 -39.53
CA ILE A 54 -8.45 24.93 -38.58
C ILE A 54 -8.40 23.63 -39.38
N LEU A 55 -9.26 23.47 -40.39
CA LEU A 55 -9.24 22.26 -41.23
C LEU A 55 -7.84 22.06 -41.79
N LYS A 56 -7.22 23.11 -42.32
CA LYS A 56 -5.86 23.00 -42.91
C LYS A 56 -4.90 22.52 -41.83
N LYS A 57 -4.99 23.10 -40.64
CA LYS A 57 -4.11 22.71 -39.52
C LYS A 57 -4.36 21.24 -39.15
N VAL A 58 -5.62 20.79 -39.11
CA VAL A 58 -5.86 19.38 -38.67
C VAL A 58 -5.31 18.42 -39.72
N ILE A 59 -5.36 18.81 -40.99
CA ILE A 59 -4.81 17.94 -42.08
C ILE A 59 -3.29 17.86 -41.91
N GLN A 60 -2.66 18.97 -41.55
CA GLN A 60 -1.20 19.00 -41.34
C GLN A 60 -0.83 17.97 -40.26
N TRP A 61 -1.53 17.97 -39.13
CA TRP A 61 -1.29 16.96 -38.08
C TRP A 61 -1.55 15.57 -38.65
N CYS A 62 -2.67 15.40 -39.35
CA CYS A 62 -3.07 14.06 -39.85
C CYS A 62 -2.12 13.60 -40.96
N THR A 63 -1.18 14.44 -41.39
CA THR A 63 -0.16 13.99 -42.38
C THR A 63 1.09 13.62 -41.58
N HIS A 64 1.55 14.53 -40.71
CA HIS A 64 2.73 14.27 -39.83
C HIS A 64 2.53 12.92 -39.18
N HIS A 65 1.35 12.70 -38.61
CA HIS A 65 1.02 11.39 -38.00
C HIS A 65 0.25 10.59 -39.03
N LYS A 66 0.81 9.49 -39.53
CA LYS A 66 0.17 8.67 -40.60
C LYS A 66 -0.27 9.57 -41.76
N GLN A 76 4.04 18.70 -30.59
CA GLN A 76 4.50 19.99 -30.02
C GLN A 76 5.05 20.83 -31.16
N GLU A 77 5.43 22.09 -30.90
CA GLU A 77 5.87 23.04 -31.96
C GLU A 77 4.67 23.35 -32.85
N PHE A 78 3.96 22.32 -33.32
CA PHE A 78 2.73 22.51 -34.12
C PHE A 78 1.67 23.09 -33.18
N LEU A 79 1.73 22.71 -31.90
CA LEU A 79 0.71 23.16 -30.92
C LEU A 79 1.24 24.36 -30.14
N LYS A 80 2.20 25.08 -30.70
CA LYS A 80 2.75 26.29 -30.03
C LYS A 80 1.99 27.50 -30.58
N VAL A 81 0.69 27.34 -30.77
CA VAL A 81 -0.15 28.41 -31.37
C VAL A 81 -0.62 29.34 -30.27
N ASP A 82 -1.49 30.29 -30.62
CA ASP A 82 -2.04 31.20 -29.61
C ASP A 82 -3.18 30.49 -28.88
N GLN A 83 -3.40 30.82 -27.61
CA GLN A 83 -4.56 30.26 -26.89
C GLN A 83 -5.79 30.69 -27.70
N GLY A 84 -6.65 29.74 -28.05
CA GLY A 84 -7.78 30.09 -28.94
C GLY A 84 -7.69 29.25 -30.18
N THR A 85 -6.50 29.17 -30.76
CA THR A 85 -6.31 28.23 -31.89
C THR A 85 -6.26 26.84 -31.25
N LEU A 86 -5.68 26.73 -30.07
CA LEU A 86 -5.67 25.44 -29.33
C LEU A 86 -7.11 25.08 -29.01
N PHE A 87 -7.91 26.04 -28.56
CA PHE A 87 -9.33 25.81 -28.22
C PHE A 87 -10.05 25.23 -29.43
N GLU A 88 -9.82 25.79 -30.61
CA GLU A 88 -10.57 25.35 -31.80
C GLU A 88 -10.02 24.03 -32.32
N LEU A 89 -8.76 23.72 -32.01
CA LEU A 89 -8.19 22.40 -32.40
C LEU A 89 -8.71 21.33 -31.45
N ILE A 90 -9.01 21.69 -30.20
CA ILE A 90 -9.61 20.71 -29.24
C ILE A 90 -11.04 20.43 -29.70
N LEU A 91 -11.74 21.47 -30.12
CA LEU A 91 -13.16 21.33 -30.52
C LEU A 91 -13.24 20.59 -31.85
N ALA A 92 -12.25 20.79 -32.72
CA ALA A 92 -12.25 20.13 -34.03
C ALA A 92 -11.96 18.66 -33.84
N ALA A 93 -11.06 18.34 -32.93
CA ALA A 93 -10.68 16.93 -32.70
C ALA A 93 -11.82 16.20 -32.00
N ASN A 94 -12.68 16.92 -31.28
CA ASN A 94 -13.87 16.25 -30.69
C ASN A 94 -14.88 16.03 -31.81
N TYR A 95 -15.08 17.04 -32.67
CA TYR A 95 -16.06 16.94 -33.77
C TYR A 95 -15.61 15.85 -34.72
N LEU A 96 -14.48 16.06 -35.39
CA LEU A 96 -13.92 14.97 -36.23
C LEU A 96 -13.19 14.08 -35.25
N ASP A 97 -13.67 12.87 -34.97
CA ASP A 97 -13.06 12.06 -33.89
C ASP A 97 -11.60 11.70 -34.16
N ILE A 98 -10.67 12.58 -33.81
CA ILE A 98 -9.21 12.27 -33.92
C ILE A 98 -8.71 12.22 -32.49
N LYS A 99 -8.76 11.06 -31.85
CA LYS A 99 -8.37 10.91 -30.42
C LYS A 99 -6.92 11.34 -30.24
N GLY A 100 -6.07 11.04 -31.21
CA GLY A 100 -4.68 11.51 -31.14
C GLY A 100 -4.63 13.01 -30.95
N LEU A 101 -5.09 13.78 -31.93
CA LEU A 101 -5.02 15.25 -31.85
C LEU A 101 -5.70 15.68 -30.55
N LEU A 102 -6.82 15.03 -30.21
CA LEU A 102 -7.51 15.44 -28.99
C LEU A 102 -6.61 15.31 -27.78
N ASP A 103 -5.81 14.24 -27.72
CA ASP A 103 -4.95 14.00 -26.57
C ASP A 103 -3.85 15.03 -26.47
N VAL A 104 -3.16 15.30 -27.59
CA VAL A 104 -1.99 16.16 -27.59
C VAL A 104 -2.34 17.60 -27.24
N THR A 105 -3.53 18.08 -27.67
CA THR A 105 -3.92 19.46 -27.37
C THR A 105 -4.43 19.60 -25.94
N CYS A 106 -5.22 18.63 -25.47
CA CYS A 106 -5.64 18.67 -24.07
C CYS A 106 -4.46 18.48 -23.14
N LYS A 107 -3.52 17.58 -23.48
CA LYS A 107 -2.30 17.48 -22.70
C LYS A 107 -1.54 18.81 -22.72
N THR A 108 -1.48 19.46 -23.87
CA THR A 108 -0.76 20.73 -23.96
C THR A 108 -1.38 21.80 -23.08
N VAL A 109 -2.70 21.77 -22.89
CA VAL A 109 -3.34 22.76 -22.04
C VAL A 109 -3.06 22.45 -20.57
N ALA A 110 -3.18 21.17 -20.19
CA ALA A 110 -2.89 20.76 -18.82
C ALA A 110 -1.48 21.19 -18.41
N ASN A 111 -0.50 20.94 -19.27
CA ASN A 111 0.88 21.35 -19.00
C ASN A 111 0.98 22.82 -18.64
N MET A 112 0.06 23.65 -19.13
CA MET A 112 0.01 25.05 -18.73
C MET A 112 -0.46 25.25 -17.29
N ILE A 113 -0.88 24.18 -16.60
CA ILE A 113 -1.38 24.28 -15.23
C ILE A 113 -0.43 23.66 -14.23
N LYS A 114 0.30 22.59 -14.60
CA LYS A 114 1.11 21.83 -13.65
C LYS A 114 2.07 22.73 -12.87
N GLY A 115 2.20 22.44 -11.58
CA GLY A 115 3.18 23.11 -10.74
C GLY A 115 3.03 24.61 -10.68
N LYS A 116 1.84 25.09 -10.32
CA LYS A 116 1.58 26.50 -10.15
C LYS A 116 0.62 26.67 -8.98
N THR A 117 0.72 27.81 -8.29
CA THR A 117 -0.22 28.12 -7.22
C THR A 117 -1.48 28.72 -7.80
N PRO A 118 -2.56 28.81 -7.01
CA PRO A 118 -3.80 29.40 -7.53
C PRO A 118 -3.64 30.76 -8.20
N GLU A 119 -2.78 31.66 -7.67
CA GLU A 119 -2.69 33.00 -8.26
C GLU A 119 -1.83 33.02 -9.52
N GLU A 120 -0.90 32.07 -9.70
CA GLU A 120 -0.17 32.01 -10.96
C GLU A 120 -0.84 31.09 -11.98
N ILE A 121 -1.89 30.36 -11.58
CA ILE A 121 -2.77 29.75 -12.57
C ILE A 121 -3.70 30.81 -13.15
N ARG A 122 -4.26 31.66 -12.29
CA ARG A 122 -5.15 32.74 -12.70
C ARG A 122 -4.49 33.71 -13.67
N LYS A 123 -3.18 33.60 -13.89
CA LYS A 123 -2.44 34.50 -14.78
C LYS A 123 -2.31 33.93 -16.19
N THR A 124 -1.88 32.68 -16.31
CA THR A 124 -1.74 32.07 -17.63
C THR A 124 -3.07 32.12 -18.39
N PHE A 125 -4.15 31.64 -17.76
CA PHE A 125 -5.52 31.92 -18.19
C PHE A 125 -5.98 33.16 -17.45
N ASN A 126 -6.72 34.05 -18.10
CA ASN A 126 -7.17 35.23 -17.31
C ASN A 126 -8.36 34.82 -16.43
N ILE A 127 -8.08 34.44 -15.19
CA ILE A 127 -9.15 33.99 -14.26
C ILE A 127 -9.29 35.07 -13.19
N LYS A 128 -10.47 35.21 -12.60
CA LYS A 128 -10.67 36.19 -11.49
C LYS A 128 -11.03 35.44 -10.22
N ASN A 129 -10.41 35.81 -9.09
CA ASN A 129 -10.78 35.21 -7.79
C ASN A 129 -12.16 35.73 -7.42
N ASP A 130 -13.20 34.95 -7.73
CA ASP A 130 -14.58 35.32 -7.38
C ASP A 130 -14.87 34.84 -5.96
N PHE A 131 -13.83 34.42 -5.25
CA PHE A 131 -14.04 33.83 -3.91
C PHE A 131 -14.13 34.93 -2.87
N THR A 132 -15.05 34.79 -1.92
CA THR A 132 -15.14 35.76 -0.81
C THR A 132 -13.95 35.52 0.12
N GLU A 133 -13.69 36.44 1.03
CA GLU A 133 -12.51 36.34 1.93
C GLU A 133 -12.59 35.03 2.70
N GLU A 134 -13.78 34.68 3.18
CA GLU A 134 -13.94 33.45 4.00
C GLU A 134 -13.94 32.23 3.08
N GLU A 135 -14.65 32.32 1.96
CA GLU A 135 -14.69 31.19 1.00
C GLU A 135 -13.25 30.80 0.68
N GLU A 136 -12.39 31.77 0.39
CA GLU A 136 -11.04 31.41 -0.01
C GLU A 136 -10.33 30.63 1.10
N ALA A 137 -10.53 31.03 2.35
CA ALA A 137 -9.95 30.28 3.47
C ALA A 137 -10.43 28.85 3.47
N GLN A 138 -11.74 28.65 3.29
CA GLN A 138 -12.29 27.30 3.19
C GLN A 138 -11.59 26.50 2.08
N VAL A 139 -11.48 27.08 0.89
CA VAL A 139 -10.87 26.35 -0.22
C VAL A 139 -9.37 26.20 -0.06
N ARG A 140 -8.74 27.06 0.74
CA ARG A 140 -7.32 26.87 1.06
C ARG A 140 -7.14 25.65 1.96
N LYS A 141 -7.91 25.57 3.05
CA LYS A 141 -7.79 24.45 3.98
C LYS A 141 -8.24 23.14 3.35
N GLU A 142 -9.34 23.16 2.58
CA GLU A 142 -9.87 21.91 2.04
C GLU A 142 -8.91 21.25 1.06
N ASN A 143 -8.05 22.04 0.40
CA ASN A 143 -7.10 21.49 -0.55
C ASN A 143 -5.67 21.70 -0.08
N GLN A 144 -5.37 21.28 1.15
CA GLN A 144 -4.04 21.44 1.75
C GLN A 144 -3.07 20.40 1.20
N TRP A 145 -1.77 20.72 1.27
CA TRP A 145 -0.73 19.78 0.85
C TRP A 145 0.52 19.84 1.75
N THR B 13 -22.57 15.17 -14.68
CA THR B 13 -23.67 14.33 -14.17
C THR B 13 -24.15 14.86 -12.80
N GLN B 14 -23.21 15.03 -11.88
CA GLN B 14 -23.47 15.59 -10.56
C GLN B 14 -22.86 16.98 -10.40
N VAL B 15 -22.10 17.43 -11.41
CA VAL B 15 -21.50 18.77 -11.41
C VAL B 15 -22.39 19.79 -12.12
N LYS B 16 -23.31 19.34 -12.97
CA LYS B 16 -24.26 20.26 -13.55
C LYS B 16 -25.16 20.86 -12.48
N HIS B 17 -25.53 20.07 -11.48
CA HIS B 17 -26.29 20.58 -10.34
C HIS B 17 -25.64 21.83 -9.78
N MET B 18 -24.37 21.73 -9.37
CA MET B 18 -23.69 22.86 -8.76
C MET B 18 -23.60 24.04 -9.72
N MET B 19 -23.52 23.77 -11.02
CA MET B 19 -23.38 24.85 -12.00
C MET B 19 -24.60 25.77 -11.97
N GLN B 20 -25.79 25.19 -12.14
CA GLN B 20 -27.03 25.96 -12.23
C GLN B 20 -27.65 26.28 -10.88
N VAL B 21 -26.89 26.11 -9.79
CA VAL B 21 -27.35 26.40 -8.44
C VAL B 21 -26.44 27.38 -7.72
N ILE B 22 -25.13 27.26 -7.91
CA ILE B 22 -24.18 28.29 -7.52
C ILE B 22 -23.74 28.99 -8.79
N GLU B 23 -24.56 29.91 -9.28
CA GLU B 23 -24.27 30.52 -10.58
C GLU B 23 -22.98 31.33 -10.52
N PRO B 24 -21.89 30.82 -11.08
CA PRO B 24 -20.61 31.53 -10.98
C PRO B 24 -20.53 32.71 -11.94
N GLN B 25 -19.90 33.78 -11.47
CA GLN B 25 -19.65 34.94 -12.33
C GLN B 25 -19.01 34.49 -13.64
N PHE B 26 -19.39 35.17 -14.73
CA PHE B 26 -18.85 34.84 -16.04
C PHE B 26 -17.33 34.84 -16.00
N GLN B 27 -16.74 33.89 -16.71
CA GLN B 27 -15.28 33.74 -16.73
C GLN B 27 -14.81 33.83 -18.17
N ARG B 28 -13.68 34.49 -18.36
CA ARG B 28 -13.12 34.77 -19.67
C ARG B 28 -11.85 33.95 -19.93
N ASP B 29 -11.83 32.69 -19.48
CA ASP B 29 -10.63 31.87 -19.57
C ASP B 29 -10.88 30.59 -20.35
N PHE B 30 -9.80 29.86 -20.57
CA PHE B 30 -9.77 28.77 -21.53
C PHE B 30 -10.70 27.62 -21.12
N ILE B 31 -10.63 27.19 -19.87
CA ILE B 31 -11.36 25.96 -19.50
C ILE B 31 -12.78 26.24 -19.02
N SER B 32 -13.07 27.45 -18.51
CA SER B 32 -14.47 27.79 -18.24
C SER B 32 -15.32 27.82 -19.50
N LEU B 33 -14.71 28.05 -20.66
CA LEU B 33 -15.44 28.18 -21.91
C LEU B 33 -15.51 26.88 -22.71
N LEU B 34 -14.83 25.83 -22.27
CA LEU B 34 -14.91 24.56 -22.98
C LEU B 34 -16.20 23.84 -22.61
N PRO B 35 -16.71 22.98 -23.49
CA PRO B 35 -17.79 22.08 -23.07
C PRO B 35 -17.35 21.28 -21.86
N LYS B 36 -18.23 21.22 -20.85
CA LYS B 36 -17.93 20.52 -19.60
C LYS B 36 -17.12 19.25 -19.81
N GLU B 37 -17.57 18.35 -20.69
CA GLU B 37 -16.89 17.08 -20.84
C GLU B 37 -15.45 17.27 -21.33
N LEU B 38 -15.21 18.27 -22.20
CA LEU B 38 -13.85 18.49 -22.67
C LEU B 38 -12.96 19.15 -21.62
N ALA B 39 -13.52 20.02 -20.78
CA ALA B 39 -12.74 20.54 -19.66
C ALA B 39 -12.35 19.41 -18.71
N LEU B 40 -13.29 18.51 -18.41
CA LEU B 40 -12.97 17.37 -17.55
C LEU B 40 -11.88 16.50 -18.17
N TYR B 41 -11.95 16.27 -19.48
CA TYR B 41 -10.91 15.50 -20.14
C TYR B 41 -9.55 16.16 -19.96
N VAL B 42 -9.48 17.48 -20.15
CA VAL B 42 -8.21 18.18 -20.00
C VAL B 42 -7.70 18.08 -18.56
N LEU B 43 -8.59 18.30 -17.59
CA LEU B 43 -8.18 18.23 -16.19
C LEU B 43 -7.79 16.83 -15.75
N SER B 44 -8.13 15.79 -16.52
CA SER B 44 -7.76 14.43 -16.17
C SER B 44 -6.29 14.13 -16.41
N PHE B 45 -5.56 14.99 -17.13
CA PHE B 45 -4.12 14.80 -17.31
C PHE B 45 -3.30 15.32 -16.13
N LEU B 46 -3.93 15.94 -15.13
CA LEU B 46 -3.21 16.52 -14.01
C LEU B 46 -3.06 15.54 -12.86
N GLU B 47 -1.94 15.71 -12.06
CA GLU B 47 -1.82 14.88 -10.87
C GLU B 47 -2.58 15.54 -9.71
N PRO B 48 -3.04 14.75 -8.72
CA PRO B 48 -3.77 15.33 -7.61
C PRO B 48 -3.16 16.59 -7.00
N LYS B 49 -1.84 16.71 -6.96
CA LYS B 49 -1.26 17.93 -6.40
C LYS B 49 -1.72 19.16 -7.19
N ASP B 50 -1.90 19.00 -8.50
CA ASP B 50 -2.28 20.10 -9.37
C ASP B 50 -3.78 20.28 -9.44
N LEU B 51 -4.55 19.19 -9.48
CA LEU B 51 -6.00 19.31 -9.32
C LEU B 51 -6.34 20.06 -8.04
N LEU B 52 -5.59 19.80 -6.97
CA LEU B 52 -5.86 20.43 -5.69
C LEU B 52 -5.58 21.93 -5.75
N GLN B 53 -4.56 22.34 -6.51
CA GLN B 53 -4.28 23.76 -6.68
C GLN B 53 -5.31 24.42 -7.58
N ALA B 54 -5.66 23.77 -8.70
CA ALA B 54 -6.65 24.31 -9.61
C ALA B 54 -7.96 24.59 -8.89
N ALA B 55 -8.35 23.71 -7.97
CA ALA B 55 -9.62 23.92 -7.29
C ALA B 55 -9.69 25.27 -6.59
N GLN B 56 -8.56 25.95 -6.43
CA GLN B 56 -8.52 27.21 -5.69
C GLN B 56 -8.47 28.44 -6.59
N THR B 57 -8.58 28.27 -7.90
CA THR B 57 -8.51 29.41 -8.81
C THR B 57 -9.79 30.23 -8.77
N CYS B 58 -10.94 29.59 -8.94
CA CYS B 58 -12.21 30.30 -8.95
C CYS B 58 -13.32 29.31 -8.64
N ARG B 59 -14.52 29.84 -8.40
CA ARG B 59 -15.66 29.00 -8.07
C ARG B 59 -15.99 28.03 -9.21
N TYR B 60 -15.67 28.39 -10.45
CA TYR B 60 -16.06 27.50 -11.58
C TYR B 60 -15.15 26.28 -11.55
N TRP B 61 -13.84 26.51 -11.43
CA TRP B 61 -12.86 25.38 -11.45
C TRP B 61 -13.08 24.47 -10.25
N ARG B 62 -13.38 25.04 -9.08
CA ARG B 62 -13.64 24.23 -7.86
C ARG B 62 -14.74 23.22 -8.17
N ILE B 63 -15.84 23.66 -8.77
CA ILE B 63 -16.99 22.78 -9.06
C ILE B 63 -16.55 21.70 -10.05
N LEU B 64 -15.71 22.07 -11.02
CA LEU B 64 -15.32 21.11 -12.09
C LEU B 64 -14.30 20.11 -11.54
N ALA B 65 -13.44 20.56 -10.63
CA ALA B 65 -12.38 19.68 -10.07
C ALA B 65 -12.93 18.83 -8.93
N GLU B 66 -14.24 18.72 -8.83
CA GLU B 66 -14.85 17.84 -7.81
C GLU B 66 -15.72 16.81 -8.51
N ASP B 67 -15.40 16.50 -9.77
CA ASP B 67 -16.16 15.46 -10.44
C ASP B 67 -15.80 14.09 -9.85
N ASN B 68 -16.83 13.30 -9.51
CA ASN B 68 -16.58 12.01 -8.88
C ASN B 68 -15.69 11.13 -9.76
N LEU B 69 -16.06 10.98 -11.04
CA LEU B 69 -15.32 10.05 -11.89
C LEU B 69 -13.92 10.56 -12.22
N LEU B 70 -13.58 11.79 -11.83
CA LEU B 70 -12.20 12.26 -11.94
C LEU B 70 -11.35 11.68 -10.83
N TRP B 71 -11.92 11.56 -9.63
CA TRP B 71 -11.23 11.09 -8.45
C TRP B 71 -11.34 9.59 -8.26
N ARG B 72 -12.47 8.97 -8.61
CA ARG B 72 -12.53 7.52 -8.63
C ARG B 72 -11.32 6.96 -9.37
N GLU B 73 -10.84 7.68 -10.37
CA GLU B 73 -9.70 7.22 -11.15
C GLU B 73 -8.39 7.49 -10.45
N LYS B 74 -8.26 8.65 -9.78
CA LYS B 74 -7.03 8.93 -9.02
C LYS B 74 -6.93 8.03 -7.79
N CYS B 75 -8.05 7.73 -7.15
CA CYS B 75 -8.04 6.81 -6.01
C CYS B 75 -7.69 5.39 -6.46
N LYS B 76 -8.30 4.92 -7.54
CA LYS B 76 -7.89 3.66 -8.12
C LYS B 76 -6.39 3.65 -8.44
N GLU B 77 -5.83 4.82 -8.75
CA GLU B 77 -4.38 4.92 -9.00
C GLU B 77 -3.60 4.58 -7.74
N GLU B 78 -3.84 5.31 -6.66
CA GLU B 78 -3.12 5.13 -5.40
C GLU B 78 -3.69 3.97 -4.55
N GLY B 79 -4.39 3.02 -5.14
CA GLY B 79 -4.95 1.89 -4.42
C GLY B 79 -5.84 2.25 -3.24
N ILE B 80 -6.79 3.15 -3.44
CA ILE B 80 -7.72 3.50 -2.37
C ILE B 80 -8.95 2.61 -2.50
N ASP B 81 -9.64 2.68 -3.64
CA ASP B 81 -10.70 1.74 -3.99
C ASP B 81 -11.83 1.72 -2.99
N GLU B 82 -12.15 2.87 -2.37
CA GLU B 82 -13.24 2.92 -1.40
C GLU B 82 -13.55 4.38 -1.05
N PRO B 83 -14.77 4.92 -1.33
CA PRO B 83 -15.04 6.34 -1.08
C PRO B 83 -15.31 6.66 0.39
N LEU B 84 -15.27 7.94 0.74
CA LEU B 84 -15.49 8.37 2.14
C LEU B 84 -16.69 9.31 2.19
N HIS B 85 -17.67 8.99 3.03
CA HIS B 85 -18.88 9.84 3.15
C HIS B 85 -18.86 10.51 4.52
N ILE B 86 -19.46 11.70 4.63
CA ILE B 86 -19.46 12.45 5.91
C ILE B 86 -20.88 12.93 6.25
N LYS B 87 -21.81 12.01 6.57
CA LYS B 87 -23.17 12.36 7.01
C LYS B 87 -23.17 13.27 8.25
N LYS B 93 -25.29 29.14 3.64
CA LYS B 93 -23.97 29.05 2.96
C LYS B 93 -24.19 28.51 1.55
N PRO B 94 -23.67 29.15 0.48
CA PRO B 94 -23.75 28.57 -0.85
C PRO B 94 -23.10 27.19 -0.61
N GLY B 95 -23.86 26.11 -0.79
CA GLY B 95 -23.35 24.76 -0.45
C GLY B 95 -22.40 24.16 -1.47
N PHE B 96 -22.15 22.85 -1.34
CA PHE B 96 -21.19 22.16 -2.20
C PHE B 96 -21.48 20.67 -2.15
N ILE B 97 -21.46 20.01 -3.31
CA ILE B 97 -21.56 18.56 -3.38
C ILE B 97 -20.15 18.01 -3.42
N HIS B 98 -19.66 17.58 -2.26
CA HIS B 98 -18.29 17.07 -2.18
C HIS B 98 -18.20 15.68 -2.79
N SER B 99 -17.10 15.43 -3.46
CA SER B 99 -16.85 14.11 -4.00
C SER B 99 -16.39 13.17 -2.89
N PRO B 100 -16.99 11.99 -2.75
CA PRO B 100 -16.45 11.01 -1.78
C PRO B 100 -15.10 10.45 -2.18
N TRP B 101 -14.82 10.35 -3.47
CA TRP B 101 -13.50 9.92 -3.91
C TRP B 101 -12.46 10.98 -3.69
N LYS B 102 -12.85 12.25 -3.64
CA LYS B 102 -11.89 13.28 -3.27
C LYS B 102 -11.65 13.29 -1.77
N SER B 103 -12.71 13.18 -0.97
CA SER B 103 -12.52 13.05 0.47
C SER B 103 -11.69 11.81 0.79
N ALA B 104 -11.96 10.69 0.10
CA ALA B 104 -11.15 9.50 0.28
C ALA B 104 -9.68 9.76 -0.07
N TYR B 105 -9.40 10.46 -1.18
CA TYR B 105 -8.01 10.73 -1.55
C TYR B 105 -7.35 11.66 -0.55
N ILE B 106 -7.99 12.76 -0.21
CA ILE B 106 -7.39 13.72 0.71
C ILE B 106 -7.13 13.07 2.07
N ARG B 107 -8.10 12.32 2.59
CA ARG B 107 -7.91 11.66 3.89
C ARG B 107 -6.63 10.84 3.92
N GLN B 108 -6.37 10.07 2.86
CA GLN B 108 -5.18 9.23 2.81
C GLN B 108 -3.90 10.07 2.79
N HIS B 109 -3.83 11.10 1.94
CA HIS B 109 -2.66 11.95 1.91
C HIS B 109 -2.39 12.56 3.28
N ARG B 110 -3.45 12.83 4.06
CA ARG B 110 -3.27 13.37 5.40
C ARG B 110 -2.72 12.33 6.36
N ILE B 111 -3.28 11.12 6.34
CA ILE B 111 -2.71 10.02 7.11
C ILE B 111 -1.24 9.82 6.76
N ASP B 112 -0.92 9.81 5.46
CA ASP B 112 0.47 9.69 5.03
C ASP B 112 1.33 10.78 5.64
N THR B 113 0.94 12.05 5.46
CA THR B 113 1.77 13.13 6.01
C THR B 113 1.73 13.13 7.53
N ASN B 114 0.70 12.54 8.11
CA ASN B 114 0.60 12.45 9.55
C ASN B 114 1.62 11.46 10.13
N TRP B 115 1.80 10.31 9.46
CA TRP B 115 2.90 9.41 9.80
C TRP B 115 4.24 10.11 9.62
N ARG B 116 4.41 10.76 8.46
CA ARG B 116 5.73 11.23 8.06
C ARG B 116 6.21 12.38 8.94
N ARG B 117 5.35 13.41 9.14
CA ARG B 117 5.81 14.60 9.86
C ARG B 117 4.83 15.13 10.91
N GLY B 118 3.68 14.50 11.12
CA GLY B 118 2.73 15.05 12.08
C GLY B 118 3.18 14.84 13.52
N GLU B 119 2.98 15.88 14.33
CA GLU B 119 3.30 15.81 15.75
C GLU B 119 2.79 14.52 16.37
N LEU B 120 3.62 13.93 17.23
CA LEU B 120 3.37 12.61 17.80
C LEU B 120 2.56 12.77 19.08
N LYS B 121 1.25 12.56 18.99
CA LYS B 121 0.46 12.61 20.21
C LYS B 121 0.81 11.41 21.08
N SER B 122 0.94 11.65 22.38
CA SER B 122 1.46 10.61 23.27
C SER B 122 0.60 9.35 23.16
N PRO B 123 1.19 8.17 23.25
CA PRO B 123 0.47 6.95 22.91
C PRO B 123 -0.35 6.45 24.09
N LYS B 124 -1.36 5.65 23.77
CA LYS B 124 -2.04 4.84 24.77
C LYS B 124 -1.08 3.78 25.29
N VAL B 125 -0.96 3.63 26.61
CA VAL B 125 -0.11 2.57 27.17
C VAL B 125 -1.00 1.49 27.76
N LEU B 126 -0.83 0.26 27.29
CA LEU B 126 -1.56 -0.89 27.81
C LEU B 126 -0.57 -1.74 28.61
N LYS B 127 -0.64 -1.67 29.95
CA LYS B 127 0.30 -2.34 30.82
C LYS B 127 -0.19 -3.73 31.15
N GLY B 128 0.71 -4.70 31.11
CA GLY B 128 0.32 -6.09 31.25
C GLY B 128 1.52 -6.99 31.01
N HIS B 129 1.35 -8.25 31.41
CA HIS B 129 2.45 -9.21 31.34
C HIS B 129 3.64 -8.74 32.18
N ASP B 130 3.37 -8.14 33.34
CA ASP B 130 4.44 -7.52 34.14
C ASP B 130 5.64 -8.43 34.23
N ASP B 131 6.83 -7.84 34.00
CA ASP B 131 8.12 -8.52 34.18
C ASP B 131 8.29 -9.74 33.28
N HIS B 132 7.63 -9.75 32.13
CA HIS B 132 7.73 -10.86 31.20
C HIS B 132 7.86 -10.31 29.80
N VAL B 133 8.01 -11.22 28.86
CA VAL B 133 8.24 -10.91 27.46
C VAL B 133 6.93 -11.04 26.71
N ILE B 134 6.66 -10.08 25.83
CA ILE B 134 5.63 -10.24 24.80
C ILE B 134 6.27 -10.94 23.62
N THR B 135 5.85 -12.18 23.37
CA THR B 135 6.49 -13.02 22.38
C THR B 135 5.76 -13.08 21.03
N CYS B 136 4.56 -12.52 20.95
CA CYS B 136 3.81 -12.51 19.70
C CYS B 136 2.72 -11.48 19.86
N LEU B 137 2.39 -10.83 18.74
CA LEU B 137 1.46 -9.73 18.70
C LEU B 137 0.55 -9.87 17.49
N GLN B 138 -0.76 -9.80 17.70
CA GLN B 138 -1.69 -9.73 16.57
C GLN B 138 -2.47 -8.43 16.64
N PHE B 139 -2.84 -7.91 15.46
CA PHE B 139 -3.58 -6.66 15.38
C PHE B 139 -4.61 -6.82 14.27
N CYS B 140 -5.89 -6.80 14.66
CA CYS B 140 -6.98 -7.24 13.78
C CYS B 140 -8.17 -6.32 13.98
N GLY B 141 -8.46 -5.48 12.99
CA GLY B 141 -9.50 -4.50 13.19
C GLY B 141 -9.21 -3.61 14.38
N ASN B 142 -9.97 -3.77 15.46
CA ASN B 142 -9.81 -2.94 16.64
C ASN B 142 -9.36 -3.73 17.85
N ARG B 143 -9.01 -5.01 17.65
CA ARG B 143 -8.55 -5.88 18.72
C ARG B 143 -7.06 -6.13 18.58
N ILE B 144 -6.36 -6.12 19.71
CA ILE B 144 -4.96 -6.50 19.80
C ILE B 144 -4.87 -7.75 20.66
N VAL B 145 -3.98 -8.67 20.27
CA VAL B 145 -3.67 -9.84 21.08
C VAL B 145 -2.17 -9.87 21.35
N SER B 146 -1.83 -9.91 22.64
CA SER B 146 -0.42 -10.00 23.08
C SER B 146 -0.20 -11.36 23.72
N GLY B 147 0.82 -12.09 23.28
CA GLY B 147 1.17 -13.38 23.88
C GLY B 147 2.42 -13.27 24.70
N SER B 148 2.57 -14.10 25.73
CA SER B 148 3.71 -13.91 26.64
C SER B 148 4.20 -15.20 27.30
N ASP B 149 5.46 -15.19 27.75
CA ASP B 149 6.04 -16.31 28.51
C ASP B 149 5.46 -16.29 29.92
N ASP B 150 4.53 -15.38 30.20
CA ASP B 150 3.80 -15.35 31.48
C ASP B 150 2.71 -16.41 31.40
N ASN B 151 2.67 -17.19 30.31
CA ASN B 151 1.73 -18.27 30.11
C ASN B 151 0.40 -17.81 29.52
N THR B 152 0.17 -16.52 29.38
CA THR B 152 -1.14 -16.02 28.99
C THR B 152 -1.09 -15.26 27.67
N LEU B 153 -2.28 -14.99 27.14
CA LEU B 153 -2.51 -14.01 26.11
C LEU B 153 -3.48 -12.98 26.66
N LYS B 154 -3.46 -11.80 26.08
CA LYS B 154 -4.41 -10.76 26.45
C LYS B 154 -5.01 -10.15 25.19
N VAL B 155 -6.32 -9.96 25.20
CA VAL B 155 -7.02 -9.29 24.11
C VAL B 155 -7.29 -7.86 24.55
N TRP B 156 -6.96 -6.90 23.68
CA TRP B 156 -7.14 -5.48 24.01
C TRP B 156 -7.98 -4.78 22.98
N SER B 157 -8.48 -3.61 23.34
CA SER B 157 -9.11 -2.72 22.36
C SER B 157 -8.07 -1.72 21.89
N ALA B 158 -7.80 -1.71 20.57
CA ALA B 158 -6.91 -0.68 20.03
C ALA B 158 -7.50 0.72 20.22
N VAL B 159 -8.80 0.82 20.49
CA VAL B 159 -9.49 2.10 20.58
C VAL B 159 -9.38 2.64 22.01
N THR B 160 -9.91 1.90 22.98
CA THR B 160 -9.93 2.38 24.35
C THR B 160 -8.63 2.09 25.09
N GLY B 161 -7.90 1.08 24.66
CA GLY B 161 -6.73 0.63 25.38
C GLY B 161 -7.05 -0.21 26.60
N LYS B 162 -8.31 -0.56 26.83
CA LYS B 162 -8.58 -1.39 27.98
C LYS B 162 -8.34 -2.87 27.64
N CYS B 163 -7.94 -3.64 28.65
CA CYS B 163 -7.81 -5.08 28.50
C CYS B 163 -9.19 -5.71 28.50
N LEU B 164 -9.53 -6.42 27.42
CA LEU B 164 -10.84 -7.03 27.27
C LEU B 164 -10.92 -8.42 27.93
N ARG B 165 -9.94 -9.28 27.67
CA ARG B 165 -9.92 -10.64 28.19
C ARG B 165 -8.47 -11.05 28.47
N THR B 166 -8.31 -12.02 29.36
CA THR B 166 -7.04 -12.70 29.57
C THR B 166 -7.23 -14.20 29.31
N LEU B 167 -6.52 -14.69 28.31
CA LEU B 167 -6.67 -16.10 27.90
C LEU B 167 -5.78 -16.97 28.80
N VAL B 168 -6.38 -17.54 29.84
CA VAL B 168 -5.63 -18.36 30.82
C VAL B 168 -5.96 -19.83 30.60
N GLY B 169 -4.93 -20.69 30.63
CA GLY B 169 -5.14 -22.13 30.42
C GLY B 169 -3.84 -22.85 30.13
N HIS B 170 -2.92 -22.18 29.46
CA HIS B 170 -1.62 -22.81 29.11
C HIS B 170 -0.79 -22.95 30.39
N THR B 171 -0.06 -24.06 30.50
CA THR B 171 0.74 -24.34 31.72
C THR B 171 2.17 -23.87 31.49
N GLY B 172 2.52 -23.57 30.25
CA GLY B 172 3.85 -23.05 29.92
C GLY B 172 3.73 -21.76 29.16
N GLY B 173 4.85 -21.18 28.74
CA GLY B 173 4.82 -19.87 28.09
C GLY B 173 4.34 -19.86 26.67
N VAL B 174 3.62 -18.81 26.29
CA VAL B 174 3.12 -18.67 24.92
C VAL B 174 4.24 -18.14 24.03
N TRP B 175 4.38 -18.74 22.84
CA TRP B 175 5.48 -18.37 21.94
C TRP B 175 5.07 -18.19 20.48
N SER B 176 3.82 -18.45 20.14
CA SER B 176 3.33 -18.16 18.79
C SER B 176 1.82 -17.97 18.87
N SER B 177 1.28 -17.29 17.87
CA SER B 177 -0.15 -17.04 17.86
C SER B 177 -0.58 -16.72 16.44
N GLN B 178 -1.88 -16.82 16.22
CA GLN B 178 -2.49 -16.46 14.96
C GLN B 178 -3.85 -15.92 15.33
N MET B 179 -4.42 -15.14 14.43
CA MET B 179 -5.74 -14.57 14.68
C MET B 179 -6.39 -14.39 13.33
N ARG B 180 -7.59 -14.95 13.15
CA ARG B 180 -8.33 -14.70 11.92
C ARG B 180 -9.34 -13.60 12.19
N ASP B 181 -10.38 -13.93 12.95
CA ASP B 181 -11.45 -13.00 13.29
C ASP B 181 -12.19 -13.63 14.45
N ASN B 182 -11.95 -13.14 15.66
CA ASN B 182 -12.56 -13.75 16.84
C ASN B 182 -12.07 -15.15 17.18
N ILE B 183 -11.31 -15.78 16.29
CA ILE B 183 -10.57 -16.98 16.63
C ILE B 183 -9.11 -16.63 16.85
N ILE B 184 -8.59 -16.98 18.03
CA ILE B 184 -7.17 -16.85 18.33
C ILE B 184 -6.59 -18.25 18.46
N ILE B 185 -5.44 -18.47 17.84
CA ILE B 185 -4.69 -19.75 18.01
C ILE B 185 -3.44 -19.41 18.80
N SER B 186 -3.03 -20.27 19.74
CA SER B 186 -1.84 -20.03 20.57
C SER B 186 -0.94 -21.26 20.59
N GLY B 187 0.35 -21.07 20.81
CA GLY B 187 1.32 -22.18 20.93
C GLY B 187 2.09 -22.00 22.21
N SER B 188 2.43 -23.09 22.90
CA SER B 188 3.10 -22.91 24.20
C SER B 188 4.23 -23.91 24.43
N THR B 189 5.03 -23.66 25.46
CA THR B 189 6.12 -24.58 25.83
C THR B 189 5.50 -25.86 26.36
N ASP B 190 4.23 -25.78 26.74
CA ASP B 190 3.50 -26.95 27.26
C ASP B 190 3.13 -27.90 26.12
N ARG B 191 3.80 -27.81 24.95
CA ARG B 191 3.56 -28.79 23.89
C ARG B 191 2.18 -28.69 23.25
N THR B 192 1.36 -27.75 23.66
CA THR B 192 -0.04 -27.73 23.16
C THR B 192 -0.39 -26.46 22.41
N LEU B 193 -1.32 -26.56 21.47
CA LEU B 193 -1.87 -25.36 20.80
C LEU B 193 -3.24 -25.19 21.41
N LYS B 194 -3.77 -23.98 21.46
CA LYS B 194 -5.12 -23.76 21.96
C LYS B 194 -5.88 -22.87 21.00
N VAL B 195 -7.14 -23.25 20.73
CA VAL B 195 -8.06 -22.43 19.94
C VAL B 195 -8.95 -21.68 20.92
N TRP B 196 -9.08 -20.36 20.72
CA TRP B 196 -9.73 -19.44 21.64
C TRP B 196 -10.85 -18.67 20.94
N ASN B 197 -11.83 -18.25 21.73
CA ASN B 197 -12.87 -17.32 21.30
C ASN B 197 -12.46 -15.95 21.82
N ALA B 198 -12.27 -14.99 20.93
CA ALA B 198 -11.69 -13.73 21.39
C ALA B 198 -12.67 -12.85 22.16
N GLU B 199 -13.98 -12.96 21.91
CA GLU B 199 -14.94 -12.21 22.73
C GLU B 199 -15.12 -12.85 24.10
N THR B 200 -15.51 -14.12 24.12
CA THR B 200 -15.82 -14.81 25.37
C THR B 200 -14.58 -15.06 26.22
N GLY B 201 -13.40 -15.15 25.62
CA GLY B 201 -12.23 -15.59 26.35
C GLY B 201 -12.17 -17.08 26.59
N GLU B 202 -13.09 -17.83 26.00
CA GLU B 202 -13.22 -19.25 26.26
C GLU B 202 -12.32 -20.02 25.32
N CYS B 203 -11.65 -21.04 25.86
CA CYS B 203 -10.85 -21.96 25.07
C CYS B 203 -11.75 -23.06 24.53
N ILE B 204 -11.74 -23.26 23.21
CA ILE B 204 -12.65 -24.23 22.60
C ILE B 204 -11.95 -25.49 22.11
N HIS B 205 -10.65 -25.49 21.92
CA HIS B 205 -9.92 -26.73 21.71
C HIS B 205 -8.53 -26.64 22.33
N THR B 206 -8.02 -27.80 22.75
CA THR B 206 -6.63 -27.97 23.11
C THR B 206 -6.06 -29.01 22.16
N LEU B 207 -5.04 -28.64 21.38
CA LEU B 207 -4.54 -29.49 20.30
C LEU B 207 -3.30 -30.24 20.78
N TYR B 208 -3.43 -31.56 20.96
CA TYR B 208 -2.37 -32.39 21.48
C TYR B 208 -1.70 -33.13 20.32
N GLY B 209 -0.41 -33.37 20.46
CA GLY B 209 0.29 -34.09 19.42
C GLY B 209 1.76 -33.76 19.36
N HIS B 210 2.10 -32.50 19.56
CA HIS B 210 3.50 -32.12 19.65
C HIS B 210 4.06 -32.61 20.98
N THR B 211 5.34 -32.98 20.94
CA THR B 211 6.04 -33.50 22.11
C THR B 211 7.03 -32.49 22.67
N SER B 212 7.04 -31.28 22.11
CA SER B 212 8.01 -30.25 22.47
C SER B 212 7.32 -28.88 22.28
N THR B 213 8.08 -27.79 22.45
CA THR B 213 7.48 -26.45 22.38
C THR B 213 6.96 -26.14 20.98
N VAL B 214 5.79 -25.48 20.94
CA VAL B 214 5.13 -25.13 19.69
C VAL B 214 5.65 -23.75 19.29
N ARG B 215 6.60 -23.74 18.35
CA ARG B 215 7.44 -22.58 18.13
C ARG B 215 6.83 -21.59 17.12
N CYS B 216 6.30 -22.10 16.00
CA CYS B 216 5.68 -21.26 14.99
C CYS B 216 4.30 -21.79 14.61
N MET B 217 3.51 -20.96 13.94
CA MET B 217 2.25 -21.40 13.34
C MET B 217 1.83 -20.45 12.22
N HIS B 218 1.14 -20.98 11.22
CA HIS B 218 0.56 -20.14 10.14
C HIS B 218 -0.87 -20.60 9.86
N LEU B 219 -1.81 -19.66 9.91
CA LEU B 219 -3.24 -20.01 9.70
C LEU B 219 -3.70 -19.59 8.32
N HIS B 220 -4.28 -20.52 7.58
CA HIS B 220 -4.91 -20.17 6.29
C HIS B 220 -6.36 -20.60 6.38
N GLU B 221 -7.26 -19.67 6.61
CA GLU B 221 -8.71 -19.96 6.60
C GLU B 221 -9.14 -20.88 7.75
N LYS B 222 -9.33 -22.17 7.47
CA LYS B 222 -9.90 -23.09 8.49
C LYS B 222 -8.82 -24.04 9.04
N ARG B 223 -7.59 -23.87 8.62
CA ARG B 223 -6.53 -24.81 9.03
C ARG B 223 -5.29 -24.06 9.52
N VAL B 224 -4.72 -24.49 10.64
CA VAL B 224 -3.45 -23.88 11.14
C VAL B 224 -2.34 -24.93 11.04
N VAL B 225 -1.21 -24.56 10.45
CA VAL B 225 -0.03 -25.47 10.44
C VAL B 225 0.89 -25.01 11.54
N SER B 226 1.41 -25.93 12.34
CA SER B 226 2.25 -25.59 13.50
C SER B 226 3.61 -26.23 13.39
N GLY B 227 4.66 -25.53 13.79
CA GLY B 227 6.01 -26.10 13.82
C GLY B 227 6.46 -26.27 15.24
N SER B 228 7.25 -27.30 15.52
CA SER B 228 7.61 -27.57 16.90
C SER B 228 9.11 -27.77 17.07
N ARG B 229 9.52 -27.70 18.33
CA ARG B 229 10.90 -28.09 18.65
C ARG B 229 11.12 -29.58 18.57
N ASP B 230 10.07 -30.39 18.38
CA ASP B 230 10.15 -31.83 18.18
C ASP B 230 10.50 -32.24 16.76
N ALA B 231 10.74 -31.27 15.88
CA ALA B 231 11.14 -31.43 14.47
C ALA B 231 9.98 -31.73 13.53
N THR B 232 8.72 -31.78 13.99
CA THR B 232 7.60 -32.11 13.11
C THR B 232 6.76 -30.87 12.84
N LEU B 233 5.88 -30.98 11.84
CA LEU B 233 4.78 -30.04 11.71
C LEU B 233 3.46 -30.79 11.85
N ARG B 234 2.42 -30.07 12.29
CA ARG B 234 1.08 -30.62 12.37
C ARG B 234 0.08 -29.64 11.76
N VAL B 235 -0.71 -30.12 10.80
CA VAL B 235 -1.85 -29.38 10.26
C VAL B 235 -3.10 -29.71 11.08
N TRP B 236 -3.86 -28.69 11.46
CA TRP B 236 -5.00 -28.84 12.37
C TRP B 236 -6.22 -28.17 11.78
N ASP B 237 -7.41 -28.73 12.08
CA ASP B 237 -8.67 -28.10 11.73
C ASP B 237 -9.11 -27.19 12.88
N ILE B 238 -9.23 -25.89 12.62
CA ILE B 238 -9.57 -24.90 13.64
C ILE B 238 -10.98 -25.06 14.19
N GLU B 239 -11.88 -25.69 13.41
CA GLU B 239 -13.26 -25.91 13.82
C GLU B 239 -13.42 -27.23 14.57
N THR B 240 -13.09 -28.34 13.91
CA THR B 240 -13.25 -29.67 14.50
C THR B 240 -12.19 -29.96 15.55
N GLY B 241 -11.19 -29.09 15.71
CA GLY B 241 -10.09 -29.29 16.65
C GLY B 241 -9.33 -30.59 16.46
N GLN B 242 -9.48 -31.26 15.34
CA GLN B 242 -8.75 -32.49 15.14
C GLN B 242 -7.45 -32.22 14.37
N CYS B 243 -6.56 -33.20 14.39
CA CYS B 243 -5.26 -33.07 13.75
C CYS B 243 -5.26 -33.87 12.45
N LEU B 244 -5.11 -33.17 11.32
CA LEU B 244 -5.27 -33.75 10.00
C LEU B 244 -3.99 -34.36 9.45
N HIS B 245 -2.82 -33.78 9.70
CA HIS B 245 -1.61 -34.34 9.10
C HIS B 245 -0.41 -34.12 10.01
N VAL B 246 0.64 -34.91 9.76
CA VAL B 246 1.89 -34.82 10.50
C VAL B 246 3.03 -34.86 9.50
N LEU B 247 3.79 -33.77 9.44
CA LEU B 247 4.86 -33.63 8.46
C LEU B 247 6.16 -33.97 9.16
N MET B 248 6.75 -35.12 8.78
CA MET B 248 7.93 -35.71 9.40
C MET B 248 9.05 -35.77 8.36
N GLY B 249 10.25 -35.34 8.76
CA GLY B 249 11.36 -35.26 7.82
C GLY B 249 12.48 -34.32 8.24
N HIS B 250 12.13 -33.29 9.01
CA HIS B 250 13.12 -32.39 9.57
C HIS B 250 13.88 -33.09 10.68
N VAL B 251 15.09 -32.61 10.93
CA VAL B 251 16.02 -33.25 11.86
C VAL B 251 16.34 -32.38 13.07
N ALA B 252 16.03 -31.09 13.03
CA ALA B 252 16.20 -30.20 14.17
C ALA B 252 14.91 -29.40 14.30
N ALA B 253 14.85 -28.52 15.30
CA ALA B 253 13.59 -27.83 15.57
C ALA B 253 13.12 -27.04 14.37
N VAL B 254 11.81 -26.95 14.22
CA VAL B 254 11.21 -26.21 13.12
C VAL B 254 10.94 -24.79 13.63
N ARG B 255 11.54 -23.80 12.97
CA ARG B 255 11.56 -22.45 13.50
C ARG B 255 10.55 -21.53 12.83
N CYS B 256 10.30 -21.72 11.54
CA CYS B 256 9.36 -20.89 10.81
C CYS B 256 8.52 -21.77 9.88
N VAL B 257 7.31 -21.29 9.55
CA VAL B 257 6.39 -22.05 8.71
C VAL B 257 5.50 -21.08 7.92
N GLN B 258 5.17 -21.45 6.68
CA GLN B 258 4.19 -20.73 5.88
C GLN B 258 3.21 -21.74 5.29
N TYR B 259 1.99 -21.27 5.05
CA TYR B 259 0.92 -22.14 4.58
C TYR B 259 -0.07 -21.31 3.80
N ASP B 260 -0.20 -21.60 2.49
CA ASP B 260 -1.05 -20.81 1.61
C ASP B 260 -2.35 -21.52 1.26
N GLY B 261 -2.64 -22.65 1.90
CA GLY B 261 -3.76 -23.48 1.56
C GLY B 261 -3.43 -24.64 0.65
N ARG B 262 -2.18 -24.77 0.23
CA ARG B 262 -1.86 -25.65 -0.88
C ARG B 262 -0.54 -26.38 -0.65
N ARG B 263 0.54 -25.63 -0.41
CA ARG B 263 1.78 -26.20 0.10
C ARG B 263 2.01 -25.72 1.53
N VAL B 264 2.72 -26.54 2.30
CA VAL B 264 3.35 -26.07 3.53
C VAL B 264 4.85 -25.93 3.25
N VAL B 265 5.40 -24.77 3.57
CA VAL B 265 6.83 -24.52 3.49
C VAL B 265 7.35 -24.35 4.91
N SER B 266 8.42 -25.06 5.23
CA SER B 266 8.96 -25.02 6.59
C SER B 266 10.47 -24.80 6.58
N GLY B 267 10.96 -24.14 7.62
CA GLY B 267 12.40 -23.94 7.78
C GLY B 267 12.82 -24.39 9.15
N ALA B 268 13.99 -24.99 9.26
CA ALA B 268 14.37 -25.55 10.56
C ALA B 268 15.82 -25.30 10.94
N TYR B 269 16.19 -25.75 12.13
CA TYR B 269 17.56 -25.56 12.65
C TYR B 269 18.45 -26.67 12.09
N ASP B 270 17.96 -27.38 11.07
CA ASP B 270 18.71 -28.46 10.40
C ASP B 270 19.31 -27.89 9.13
N PHE B 271 19.19 -26.57 8.93
CA PHE B 271 19.80 -25.86 7.78
C PHE B 271 18.97 -26.09 6.53
N MET B 272 17.76 -26.62 6.69
CA MET B 272 16.98 -27.02 5.50
C MET B 272 15.63 -26.32 5.39
N VAL B 273 15.16 -26.11 4.17
CA VAL B 273 13.80 -25.64 3.92
C VAL B 273 13.06 -26.78 3.24
N LYS B 274 11.90 -27.14 3.75
CA LYS B 274 11.12 -28.23 3.16
C LYS B 274 9.78 -27.72 2.64
N VAL B 275 9.43 -28.17 1.42
CA VAL B 275 8.12 -27.91 0.82
C VAL B 275 7.28 -29.19 0.89
N TRP B 276 6.05 -29.07 1.42
CA TRP B 276 5.18 -30.25 1.56
C TRP B 276 3.87 -30.11 0.80
N ASP B 277 3.36 -31.25 0.34
CA ASP B 277 1.92 -31.35 0.09
C ASP B 277 1.25 -31.91 1.34
N PRO B 278 0.47 -31.12 2.08
CA PRO B 278 -0.04 -31.62 3.38
C PRO B 278 -1.01 -32.77 3.27
N GLU B 279 -1.96 -32.73 2.33
CA GLU B 279 -2.97 -33.79 2.20
C GLU B 279 -2.34 -35.19 2.18
N THR B 280 -1.32 -35.38 1.35
CA THR B 280 -0.59 -36.64 1.24
C THR B 280 0.49 -36.84 2.31
N GLU B 281 0.81 -35.80 3.11
CA GLU B 281 1.86 -35.85 4.14
C GLU B 281 3.25 -35.99 3.55
N THR B 282 3.41 -35.64 2.28
CA THR B 282 4.62 -35.95 1.52
C THR B 282 5.52 -34.71 1.39
N CYS B 283 6.81 -34.92 1.61
CA CYS B 283 7.78 -33.86 1.36
C CYS B 283 8.09 -33.81 -0.13
N LEU B 284 7.65 -32.74 -0.82
CA LEU B 284 7.91 -32.61 -2.25
C LEU B 284 9.34 -32.19 -2.55
N HIS B 285 9.90 -31.28 -1.74
CA HIS B 285 11.22 -30.69 -1.96
C HIS B 285 11.92 -30.47 -0.63
N THR B 286 13.20 -30.80 -0.59
CA THR B 286 14.09 -30.31 0.46
C THR B 286 15.00 -29.28 -0.18
N LEU B 287 14.81 -28.01 0.19
CA LEU B 287 15.62 -26.90 -0.30
C LEU B 287 16.92 -26.85 0.49
N GLN B 288 18.06 -27.07 -0.20
CA GLN B 288 19.38 -27.21 0.41
C GLN B 288 20.30 -26.08 -0.04
N GLY B 289 20.98 -25.48 0.92
CA GLY B 289 21.90 -24.41 0.56
C GLY B 289 22.32 -23.58 1.75
N HIS B 290 21.38 -23.21 2.61
CA HIS B 290 21.79 -22.51 3.82
C HIS B 290 22.81 -23.37 4.56
N THR B 291 23.81 -22.69 5.10
CA THR B 291 24.90 -23.33 5.81
C THR B 291 24.76 -23.20 7.31
N ASN B 292 23.66 -22.64 7.79
CA ASN B 292 23.35 -22.59 9.22
C ASN B 292 21.85 -22.65 9.39
N ARG B 293 21.37 -22.46 10.63
CA ARG B 293 19.94 -22.59 10.92
C ARG B 293 19.09 -21.65 10.08
N VAL B 294 17.99 -22.17 9.52
CA VAL B 294 17.02 -21.32 8.85
C VAL B 294 16.05 -20.74 9.87
N TYR B 295 15.91 -19.42 9.86
CA TYR B 295 15.24 -18.79 10.98
C TYR B 295 13.98 -18.04 10.57
N SER B 296 13.87 -17.56 9.33
CA SER B 296 12.67 -16.81 8.95
C SER B 296 12.26 -17.19 7.52
N LEU B 297 10.95 -17.09 7.26
CA LEU B 297 10.41 -17.59 5.97
C LEU B 297 9.31 -16.71 5.41
N GLN B 298 9.20 -16.64 4.09
CA GLN B 298 8.11 -15.90 3.42
C GLN B 298 7.73 -16.76 2.21
N PHE B 299 6.47 -16.79 1.82
CA PHE B 299 6.01 -17.65 0.71
C PHE B 299 4.84 -16.95 0.03
N ASP B 300 4.93 -16.75 -1.29
CA ASP B 300 3.80 -16.13 -1.97
C ASP B 300 3.10 -17.08 -2.95
N GLY B 301 3.23 -18.39 -2.72
CA GLY B 301 2.70 -19.39 -3.63
C GLY B 301 3.55 -19.63 -4.85
N ILE B 302 4.50 -18.77 -5.14
CA ILE B 302 5.44 -18.93 -6.25
C ILE B 302 6.86 -19.05 -5.75
N HIS B 303 7.30 -18.12 -4.91
CA HIS B 303 8.64 -18.10 -4.37
C HIS B 303 8.58 -18.39 -2.89
N VAL B 304 9.52 -19.19 -2.41
CA VAL B 304 9.77 -19.24 -0.97
C VAL B 304 11.06 -18.46 -0.71
N VAL B 305 11.05 -17.66 0.34
CA VAL B 305 12.18 -16.83 0.70
C VAL B 305 12.61 -17.25 2.09
N SER B 306 13.90 -17.58 2.25
CA SER B 306 14.41 -18.07 3.51
C SER B 306 15.57 -17.20 3.98
N GLY B 307 15.62 -16.94 5.29
CA GLY B 307 16.71 -16.18 5.93
C GLY B 307 17.39 -17.01 7.00
N SER B 308 18.72 -16.98 7.07
CA SER B 308 19.44 -17.90 7.99
C SER B 308 20.46 -17.21 8.87
N LEU B 309 21.09 -17.97 9.78
CA LEU B 309 22.20 -17.47 10.63
C LEU B 309 23.43 -17.48 9.73
N ASP B 310 23.30 -18.02 8.52
CA ASP B 310 24.38 -18.05 7.51
C ASP B 310 24.55 -16.67 6.89
N THR B 311 23.77 -15.68 7.32
CA THR B 311 23.88 -14.26 6.85
C THR B 311 23.34 -14.11 5.43
N SER B 312 22.62 -15.11 4.94
CA SER B 312 22.14 -15.09 3.53
C SER B 312 20.63 -15.25 3.46
N ILE B 313 20.04 -14.77 2.37
CA ILE B 313 18.58 -14.96 2.16
C ILE B 313 18.43 -15.65 0.81
N ARG B 314 17.88 -16.86 0.79
CA ARG B 314 17.75 -17.57 -0.47
C ARG B 314 16.33 -17.45 -1.00
N VAL B 315 16.21 -17.23 -2.30
CA VAL B 315 14.94 -17.16 -3.02
C VAL B 315 14.79 -18.40 -3.87
N TRP B 316 13.81 -19.24 -3.53
CA TRP B 316 13.60 -20.50 -4.22
C TRP B 316 12.33 -20.50 -5.06
N ASP B 317 12.33 -21.33 -6.10
CA ASP B 317 11.13 -21.60 -6.90
C ASP B 317 10.43 -22.83 -6.32
N VAL B 318 9.18 -22.65 -5.85
CA VAL B 318 8.44 -23.70 -5.15
C VAL B 318 8.21 -24.91 -6.04
N GLU B 319 7.83 -24.67 -7.30
CA GLU B 319 7.41 -25.82 -8.10
C GLU B 319 8.57 -26.67 -8.62
N THR B 320 9.80 -26.13 -8.68
CA THR B 320 10.97 -26.91 -9.05
C THR B 320 11.98 -27.14 -7.93
N GLY B 321 11.96 -26.32 -6.88
CA GLY B 321 12.97 -26.39 -5.83
C GLY B 321 14.31 -25.78 -6.16
N ASN B 322 14.49 -25.29 -7.39
CA ASN B 322 15.69 -24.54 -7.73
C ASN B 322 15.81 -23.30 -6.85
N CYS B 323 17.04 -22.88 -6.64
CA CYS B 323 17.34 -21.63 -5.96
C CYS B 323 17.53 -20.54 -7.01
N ILE B 324 16.66 -19.52 -7.00
CA ILE B 324 16.70 -18.48 -8.04
C ILE B 324 17.79 -17.45 -7.76
N HIS B 325 17.88 -17.00 -6.50
CA HIS B 325 18.82 -15.99 -6.02
C HIS B 325 19.33 -16.42 -4.66
N THR B 326 20.58 -16.12 -4.38
CA THR B 326 21.02 -16.13 -2.99
C THR B 326 21.49 -14.72 -2.69
N LEU B 327 20.75 -14.02 -1.83
CA LEU B 327 20.93 -12.58 -1.61
C LEU B 327 21.87 -12.36 -0.43
N THR B 328 23.01 -11.75 -0.70
CA THR B 328 24.09 -11.60 0.26
C THR B 328 24.19 -10.15 0.70
N GLY B 329 24.82 -9.94 1.85
CA GLY B 329 25.04 -8.57 2.27
C GLY B 329 24.79 -8.34 3.74
N HIS B 330 23.70 -8.87 4.28
CA HIS B 330 23.50 -8.82 5.72
C HIS B 330 24.71 -9.51 6.32
N GLN B 331 24.97 -9.25 7.60
CA GLN B 331 26.13 -9.79 8.29
C GLN B 331 25.77 -10.65 9.49
N SER B 332 24.48 -10.87 9.74
CA SER B 332 24.05 -11.58 10.93
C SER B 332 22.69 -12.23 10.64
N LEU B 333 22.06 -12.76 11.68
CA LEU B 333 20.74 -13.40 11.58
C LEU B 333 19.72 -12.46 10.94
N THR B 334 18.94 -12.98 9.98
CA THR B 334 17.80 -12.25 9.40
C THR B 334 16.55 -12.58 10.23
N SER B 335 16.17 -11.68 11.12
CA SER B 335 15.19 -12.01 12.17
C SER B 335 13.76 -12.02 11.61
N GLY B 336 13.40 -10.99 10.87
CA GLY B 336 12.09 -10.92 10.26
C GLY B 336 12.20 -10.53 8.79
N MET B 337 11.18 -10.93 8.03
CA MET B 337 11.05 -10.60 6.62
C MET B 337 9.58 -10.37 6.30
N GLU B 338 9.31 -9.48 5.34
CA GLU B 338 7.99 -9.28 4.77
C GLU B 338 8.15 -9.34 3.25
N LEU B 339 7.28 -10.09 2.59
CA LEU B 339 7.28 -10.20 1.14
C LEU B 339 5.94 -9.73 0.59
N LYS B 340 5.97 -8.87 -0.42
CA LYS B 340 4.77 -8.31 -1.01
C LYS B 340 5.09 -7.88 -2.43
N ASP B 341 4.46 -8.51 -3.43
CA ASP B 341 4.62 -8.13 -4.83
C ASP B 341 6.09 -8.13 -5.26
N ASN B 342 6.78 -9.20 -4.90
CA ASN B 342 8.20 -9.37 -5.22
C ASN B 342 9.12 -8.31 -4.59
N ILE B 343 8.62 -7.48 -3.69
CA ILE B 343 9.47 -6.62 -2.87
C ILE B 343 9.68 -7.33 -1.54
N LEU B 344 10.94 -7.53 -1.17
CA LEU B 344 11.30 -8.17 0.10
C LEU B 344 11.94 -7.14 1.02
N VAL B 345 11.50 -7.08 2.28
CA VAL B 345 12.17 -6.28 3.30
C VAL B 345 12.66 -7.24 4.38
N SER B 346 13.97 -7.20 4.62
CA SER B 346 14.63 -8.09 5.60
C SER B 346 15.21 -7.30 6.77
N GLY B 347 14.92 -7.73 7.98
CA GLY B 347 15.49 -7.11 9.18
C GLY B 347 16.56 -8.01 9.72
N ASN B 348 17.54 -7.44 10.40
CA ASN B 348 18.69 -8.28 10.79
C ASN B 348 19.28 -7.88 12.13
N ALA B 349 20.06 -8.77 12.71
CA ALA B 349 20.77 -8.47 13.98
C ALA B 349 22.02 -7.66 13.68
N ASP B 350 22.38 -7.53 12.41
CA ASP B 350 23.54 -6.70 11.99
C ASP B 350 23.13 -5.23 12.06
N SER B 351 21.98 -4.95 12.64
CA SER B 351 21.43 -3.57 12.71
C SER B 351 21.39 -3.05 11.29
N THR B 352 20.53 -3.62 10.44
CA THR B 352 20.38 -3.17 9.04
C THR B 352 19.06 -3.70 8.48
N VAL B 353 18.35 -2.89 7.70
CA VAL B 353 17.12 -3.35 7.02
C VAL B 353 17.36 -3.20 5.53
N LYS B 354 17.05 -4.22 4.73
CA LYS B 354 17.33 -4.18 3.31
C LYS B 354 16.04 -4.40 2.55
N ILE B 355 15.89 -3.66 1.45
CA ILE B 355 14.77 -3.79 0.54
C ILE B 355 15.30 -4.42 -0.74
N TRP B 356 14.80 -5.61 -1.06
CA TRP B 356 15.25 -6.36 -2.23
C TRP B 356 14.15 -6.45 -3.29
N ASP B 357 14.57 -6.60 -4.54
CA ASP B 357 13.66 -6.89 -5.64
C ASP B 357 13.88 -8.36 -5.99
N ILE B 358 13.00 -9.25 -5.51
CA ILE B 358 13.33 -10.68 -5.64
C ILE B 358 13.13 -11.19 -7.06
N LYS B 359 12.57 -10.38 -7.97
CA LYS B 359 12.57 -10.74 -9.39
C LYS B 359 13.99 -10.73 -9.95
N THR B 360 14.72 -9.64 -9.72
CA THR B 360 16.05 -9.43 -10.28
C THR B 360 17.19 -9.72 -9.33
N GLY B 361 16.92 -9.83 -8.02
CA GLY B 361 17.94 -9.97 -7.01
C GLY B 361 18.62 -8.68 -6.64
N GLN B 362 18.17 -7.56 -7.18
CA GLN B 362 18.77 -6.29 -6.82
C GLN B 362 18.48 -5.97 -5.36
N CYS B 363 19.44 -5.38 -4.69
CA CYS B 363 19.19 -4.86 -3.36
C CYS B 363 18.92 -3.36 -3.51
N LEU B 364 17.64 -2.99 -3.42
CA LEU B 364 17.18 -1.65 -3.75
C LEU B 364 17.66 -0.61 -2.73
N GLN B 365 17.61 -0.93 -1.44
CA GLN B 365 17.99 0.04 -0.43
C GLN B 365 18.52 -0.70 0.79
N THR B 366 19.47 -0.06 1.47
CA THR B 366 19.81 -0.39 2.85
C THR B 366 19.42 0.78 3.75
N LEU B 367 18.70 0.48 4.82
CA LEU B 367 18.28 1.48 5.80
C LEU B 367 19.36 1.51 6.87
N GLN B 368 20.25 2.51 6.80
CA GLN B 368 21.42 2.58 7.66
C GLN B 368 21.93 4.02 7.74
N GLY B 369 21.05 4.96 8.03
CA GLY B 369 21.51 6.33 8.14
C GLY B 369 22.60 6.61 9.20
N PRO B 370 22.91 7.89 9.37
CA PRO B 370 23.35 8.34 10.70
C PRO B 370 22.32 8.06 11.78
N ASN B 371 21.06 7.89 11.38
CA ASN B 371 20.01 7.54 12.31
C ASN B 371 19.70 6.06 12.25
N LYS B 372 20.74 5.27 12.03
CA LYS B 372 20.50 3.86 11.94
C LYS B 372 20.17 3.30 13.31
N HIS B 373 19.64 2.07 13.34
CA HIS B 373 19.46 1.34 14.59
C HIS B 373 20.82 0.99 15.21
N GLN B 374 20.88 0.98 16.54
CA GLN B 374 22.12 0.70 17.26
C GLN B 374 22.27 -0.75 17.71
N SER B 375 21.17 -1.48 17.89
CA SER B 375 21.13 -2.91 18.21
C SER B 375 20.47 -3.65 17.05
N ALA B 376 20.13 -4.91 17.30
CA ALA B 376 19.48 -5.76 16.32
C ALA B 376 18.08 -5.23 15.99
N VAL B 377 17.64 -5.49 14.77
CA VAL B 377 16.25 -5.24 14.38
C VAL B 377 15.40 -6.42 14.83
N THR B 378 14.31 -6.12 15.53
CA THR B 378 13.47 -7.15 16.10
C THR B 378 12.24 -7.45 15.25
N CYS B 379 11.76 -6.48 14.48
CA CYS B 379 10.50 -6.58 13.77
C CYS B 379 10.45 -5.52 12.67
N LEU B 380 9.64 -5.78 11.65
CA LEU B 380 9.40 -4.70 10.71
C LEU B 380 8.06 -4.90 10.02
N GLN B 381 7.57 -3.81 9.43
CA GLN B 381 6.36 -3.76 8.63
C GLN B 381 6.60 -2.80 7.48
N PHE B 382 5.86 -2.97 6.37
CA PHE B 382 6.02 -2.00 5.29
C PHE B 382 4.78 -1.95 4.41
N ASN B 383 4.66 -0.85 3.69
CA ASN B 383 3.61 -0.62 2.69
C ASN B 383 4.27 0.12 1.53
N LYS B 384 3.45 0.72 0.67
CA LYS B 384 3.99 1.26 -0.57
C LYS B 384 4.83 2.52 -0.35
N ASN B 385 4.69 3.16 0.82
CA ASN B 385 5.43 4.38 1.15
C ASN B 385 6.51 4.20 2.20
N PHE B 386 6.25 3.45 3.26
CA PHE B 386 7.12 3.45 4.44
C PHE B 386 7.52 2.03 4.82
N VAL B 387 8.69 1.93 5.44
CA VAL B 387 9.06 0.76 6.23
C VAL B 387 9.04 1.22 7.69
N ILE B 388 8.52 0.37 8.57
CA ILE B 388 8.48 0.64 10.01
C ILE B 388 9.38 -0.41 10.67
N THR B 389 10.33 0.02 11.49
CA THR B 389 11.28 -0.91 12.10
C THR B 389 11.40 -0.72 13.62
N SER B 390 11.65 -1.83 14.32
CA SER B 390 11.81 -1.84 15.77
C SER B 390 13.09 -2.56 16.15
N SER B 391 13.58 -2.31 17.36
CA SER B 391 14.92 -2.78 17.69
C SER B 391 15.13 -2.85 19.20
N ASP B 392 16.22 -3.55 19.59
CA ASP B 392 16.77 -3.48 20.94
C ASP B 392 17.18 -2.09 21.38
N ASP B 393 17.47 -1.20 20.44
CA ASP B 393 17.88 0.13 20.88
C ASP B 393 16.74 0.93 21.48
N GLY B 394 15.54 0.36 21.56
CA GLY B 394 14.40 1.01 22.17
C GLY B 394 13.62 1.92 21.25
N THR B 395 13.87 1.86 19.94
CA THR B 395 13.26 2.77 18.97
C THR B 395 12.37 2.00 18.00
N VAL B 396 11.39 2.71 17.45
CA VAL B 396 10.69 2.33 16.23
C VAL B 396 10.91 3.48 15.25
N LYS B 397 11.46 3.19 14.07
CA LYS B 397 11.83 4.22 13.11
C LYS B 397 10.94 4.10 11.87
N LEU B 398 10.61 5.26 11.29
CA LEU B 398 9.89 5.32 10.04
C LEU B 398 10.87 5.65 8.92
N TRP B 399 10.82 4.89 7.83
CA TRP B 399 11.69 5.06 6.68
C TRP B 399 10.88 5.25 5.41
N ASP B 400 11.46 5.99 4.45
CA ASP B 400 10.88 6.12 3.11
C ASP B 400 11.28 4.90 2.27
N LEU B 401 10.32 4.00 2.00
CA LEU B 401 10.59 2.86 1.13
C LEU B 401 11.23 3.26 -0.18
N LYS B 402 10.68 4.31 -0.81
CA LYS B 402 11.08 4.67 -2.17
C LYS B 402 12.53 5.16 -2.23
N THR B 403 12.97 5.93 -1.25
CA THR B 403 14.31 6.51 -1.28
C THR B 403 15.29 5.82 -0.33
N GLY B 404 14.82 4.94 0.55
CA GLY B 404 15.69 4.35 1.55
C GLY B 404 16.05 5.29 2.68
N GLU B 405 15.51 6.51 2.70
CA GLU B 405 15.95 7.49 3.68
C GLU B 405 15.24 7.31 5.01
N PHE B 406 15.96 7.61 6.09
CA PHE B 406 15.34 7.79 7.38
C PHE B 406 14.38 8.98 7.35
N ILE B 407 13.20 8.81 7.95
CA ILE B 407 12.28 9.92 8.16
C ILE B 407 12.37 10.38 9.61
N ARG B 408 12.02 9.51 10.56
CA ARG B 408 11.89 9.94 11.95
C ARG B 408 11.81 8.73 12.89
N ASN B 409 12.05 9.00 14.19
CA ASN B 409 11.84 8.03 15.26
C ASN B 409 10.40 8.15 15.75
N LEU B 410 9.60 7.10 15.52
CA LEU B 410 8.21 7.06 16.00
C LEU B 410 8.14 6.80 17.50
N VAL B 411 9.07 6.02 18.03
CA VAL B 411 9.15 5.72 19.46
C VAL B 411 10.62 5.79 19.85
N THR B 412 10.89 6.36 21.03
CA THR B 412 12.26 6.43 21.55
C THR B 412 12.21 6.19 23.06
N LEU B 413 12.10 4.93 23.47
CA LEU B 413 12.09 4.61 24.89
C LEU B 413 13.25 5.31 25.58
N GLU B 414 12.99 5.92 26.76
CA GLU B 414 14.07 6.54 27.51
C GLU B 414 15.11 5.51 27.91
N SER B 415 14.64 4.32 28.26
CA SER B 415 15.47 3.22 28.66
C SER B 415 16.13 2.48 27.51
N GLY B 416 16.08 3.00 26.28
CA GLY B 416 16.52 2.21 25.15
C GLY B 416 17.95 1.71 25.31
N GLY B 417 18.85 2.61 25.72
CA GLY B 417 20.25 2.26 25.90
C GLY B 417 20.57 1.54 27.20
N SER B 418 19.67 1.55 28.18
CA SER B 418 19.94 0.88 29.44
C SER B 418 19.09 -0.37 29.65
N GLY B 419 18.60 -1.00 28.58
CA GLY B 419 17.78 -2.18 28.80
C GLY B 419 16.44 -2.23 28.10
N GLY B 420 15.86 -1.07 27.78
CA GLY B 420 14.56 -1.04 27.14
C GLY B 420 14.66 -1.51 25.70
N VAL B 421 13.68 -2.30 25.29
CA VAL B 421 13.67 -2.92 23.96
C VAL B 421 12.25 -2.81 23.40
N VAL B 422 12.16 -2.76 22.09
CA VAL B 422 10.89 -2.96 21.38
C VAL B 422 10.95 -4.34 20.71
N TRP B 423 10.06 -5.23 21.15
CA TRP B 423 10.04 -6.62 20.71
C TRP B 423 9.31 -6.81 19.39
N ARG B 424 8.26 -6.04 19.13
CA ARG B 424 7.35 -6.36 18.04
C ARG B 424 6.46 -5.16 17.72
N ILE B 425 6.11 -5.03 16.45
CA ILE B 425 5.18 -4.00 16.00
C ILE B 425 4.17 -4.60 15.04
N ARG B 426 2.92 -4.13 15.13
CA ARG B 426 1.93 -4.29 14.07
C ARG B 426 1.46 -2.90 13.66
N ALA B 427 1.31 -2.66 12.37
CA ALA B 427 0.74 -1.40 11.94
C ALA B 427 -0.50 -1.66 11.11
N SER B 428 -1.52 -0.82 11.32
CA SER B 428 -2.66 -0.68 10.44
C SER B 428 -2.48 0.59 9.61
N ASN B 429 -3.50 0.96 8.84
CA ASN B 429 -3.37 2.17 8.06
C ASN B 429 -3.27 3.41 8.95
N THR B 430 -3.86 3.37 10.14
CA THR B 430 -3.89 4.55 11.00
C THR B 430 -3.28 4.36 12.39
N LYS B 431 -3.05 3.13 12.85
CA LYS B 431 -2.45 2.93 14.17
C LYS B 431 -1.18 2.10 14.09
N LEU B 432 -0.26 2.36 15.02
CA LEU B 432 0.91 1.52 15.25
C LEU B 432 0.84 0.91 16.64
N VAL B 433 1.05 -0.40 16.74
CA VAL B 433 1.07 -1.11 18.02
C VAL B 433 2.49 -1.60 18.25
N CYS B 434 3.01 -1.39 19.47
CA CYS B 434 4.37 -1.71 19.84
C CYS B 434 4.39 -2.53 21.12
N ALA B 435 5.06 -3.68 21.09
CA ALA B 435 5.30 -4.47 22.29
C ALA B 435 6.63 -4.02 22.90
N VAL B 436 6.60 -3.56 24.14
CA VAL B 436 7.77 -2.94 24.75
C VAL B 436 8.03 -3.54 26.13
N GLY B 437 9.30 -3.59 26.53
CA GLY B 437 9.64 -4.19 27.81
C GLY B 437 11.13 -4.19 28.02
N SER B 438 11.59 -5.00 28.97
CA SER B 438 13.02 -5.13 29.24
C SER B 438 13.27 -6.36 30.09
N ARG B 439 14.41 -7.00 29.83
CA ARG B 439 14.86 -8.14 30.63
C ARG B 439 15.39 -7.73 32.01
N ASN B 440 15.66 -6.45 32.28
CA ASN B 440 16.31 -6.03 33.51
C ASN B 440 15.49 -5.08 34.38
N GLY B 441 14.22 -4.83 34.03
CA GLY B 441 13.37 -4.03 34.87
C GLY B 441 13.33 -2.55 34.56
N THR B 442 14.14 -2.08 33.63
CA THR B 442 14.18 -0.64 33.33
C THR B 442 12.98 -0.18 32.52
N GLU B 443 12.29 -1.10 31.82
CA GLU B 443 11.03 -0.81 31.12
C GLU B 443 9.97 -1.76 31.63
N GLU B 444 8.92 -1.20 32.21
CA GLU B 444 7.74 -1.99 32.52
C GLU B 444 7.20 -2.53 31.20
N THR B 445 6.86 -3.82 31.14
CA THR B 445 6.41 -4.36 29.86
C THR B 445 4.97 -3.92 29.56
N LYS B 446 4.71 -3.57 28.30
CA LYS B 446 3.46 -2.94 27.90
C LYS B 446 3.39 -2.88 26.38
N LEU B 447 2.18 -2.64 25.86
CA LEU B 447 1.97 -2.23 24.49
C LEU B 447 1.80 -0.71 24.43
N LEU B 448 2.37 -0.09 23.39
CA LEU B 448 2.10 1.30 23.02
C LEU B 448 1.24 1.31 21.77
N VAL B 449 0.17 2.11 21.78
CA VAL B 449 -0.67 2.33 20.60
C VAL B 449 -0.57 3.78 20.19
N LEU B 450 -0.03 4.03 18.99
CA LEU B 450 0.04 5.36 18.39
C LEU B 450 -1.04 5.52 17.32
N ASP B 451 -1.71 6.65 17.33
CA ASP B 451 -2.84 6.91 16.44
C ASP B 451 -2.43 7.98 15.42
N PHE B 452 -2.53 7.65 14.14
CA PHE B 452 -2.18 8.59 13.08
C PHE B 452 -3.39 8.96 12.23
N ASP B 453 -4.59 8.88 12.80
CA ASP B 453 -5.81 9.20 12.07
C ASP B 453 -6.02 10.71 11.98
N VAL B 454 -6.94 11.11 11.07
CA VAL B 454 -7.35 12.50 10.87
C VAL B 454 -8.87 12.58 10.88
N ASP B 455 -9.43 13.73 10.47
CA ASP B 455 -10.90 13.91 10.35
C ASP B 455 -11.29 14.77 9.13
N LYS C 5 27.82 -9.85 14.73
CA LYS C 5 26.90 -10.98 14.85
C LYS C 5 26.10 -10.96 16.17
N LYS C 6 25.19 -9.98 16.28
CA LYS C 6 24.48 -9.64 17.51
C LYS C 6 23.19 -10.46 17.74
N PHE C 7 23.10 -11.71 17.25
CA PHE C 7 21.88 -12.50 17.46
C PHE C 7 21.84 -13.02 18.91
N GLU C 8 20.86 -13.87 19.23
CA GLU C 8 20.57 -14.32 20.60
C GLU C 8 20.22 -13.13 21.51
N LEU C 9 20.26 -11.93 20.95
CA LEU C 9 19.56 -10.79 21.53
C LEU C 9 18.06 -10.89 21.30
N LEU C 10 17.64 -11.74 20.34
CA LEU C 10 16.23 -12.01 20.06
C LEU C 10 15.75 -13.15 20.95
N PRO C 11 14.54 -13.03 21.52
CA PRO C 11 14.14 -14.04 22.50
C PRO C 11 13.91 -15.41 21.86
N PRO C 13 12.39 -19.59 23.37
CA PRO C 13 12.02 -20.34 24.57
C PRO C 13 13.23 -21.03 25.19
N PRO C 14 13.20 -21.21 26.51
CA PRO C 14 14.25 -21.98 27.18
C PRO C 14 14.27 -23.42 26.71
N LEU C 15 15.41 -24.06 26.91
CA LEU C 15 15.52 -25.48 26.60
C LEU C 15 14.84 -26.30 27.72
#